data_3AM7
#
_entry.id   3AM7
#
_cell.length_a   87.84
_cell.length_b   87.84
_cell.length_c   37.75
_cell.angle_alpha   90
_cell.angle_beta   90
_cell.angle_gamma   90
#
_symmetry.space_group_name_H-M   'P 43'
#
loop_
_entity.id
_entity.type
_entity.pdbx_description
1 polymer 'Eukaryotic translation initiation factor 4E'
2 polymer 'Eukaryotic translation initiation factor 4E-binding protein 2'
3 non-polymer "7-METHYL-GUANOSINE-5'-TRIPHOSPHATE"
4 water water
#
loop_
_entity_poly.entity_id
_entity_poly.type
_entity_poly.pdbx_seq_one_letter_code
_entity_poly.pdbx_strand_id
1 'polypeptide(L)'
;EVANPEHYIKHPLQNRWALWFFKNDKSKTWQANLRLISKFDTVEDFWALYNHIQLSSNLMPGCDYSLFKDGIEPMWEDEK
NKRGGRWLITLNKQQRRSDLDRFWLETLLCLIGESFDDYSDDVCGAVVNVRAKGDKIAIWTTECENREAVTHIGRVYKER
LGLPPKIVIGYQSHADTATKSGSTTKNRFVV
;
A
2 'polypeptide(L)' PGGTRIIYDRKFLLDRRNS B
#
# COMPACT_ATOMS: atom_id res chain seq x y z
N GLU A 1 -34.39 18.75 -16.31
CA GLU A 1 -33.68 18.98 -15.02
C GLU A 1 -32.66 17.89 -14.75
N VAL A 2 -31.46 18.06 -15.31
CA VAL A 2 -30.40 17.10 -15.13
C VAL A 2 -29.06 17.81 -14.93
N ALA A 3 -28.67 17.97 -13.67
CA ALA A 3 -27.40 18.63 -13.35
C ALA A 3 -26.23 17.86 -13.95
N ASN A 4 -25.17 18.60 -14.28
CA ASN A 4 -23.97 18.00 -14.87
C ASN A 4 -23.03 17.46 -13.78
N PRO A 5 -23.05 16.12 -13.57
CA PRO A 5 -22.24 15.39 -12.58
C PRO A 5 -20.83 15.91 -12.35
N GLU A 6 -20.09 16.15 -13.42
CA GLU A 6 -18.73 16.65 -13.32
C GLU A 6 -18.63 17.92 -12.47
N HIS A 7 -19.75 18.63 -12.35
CA HIS A 7 -19.77 19.87 -11.58
C HIS A 7 -19.98 19.74 -10.08
N TYR A 8 -20.61 18.67 -9.62
CA TYR A 8 -20.89 18.53 -8.19
C TYR A 8 -20.71 17.14 -7.59
N ILE A 9 -20.35 16.16 -8.42
CA ILE A 9 -20.18 14.81 -7.93
C ILE A 9 -18.71 14.50 -7.66
N LYS A 10 -18.47 13.78 -6.56
CA LYS A 10 -17.10 13.41 -6.19
C LYS A 10 -16.59 12.29 -7.09
N HIS A 11 -15.28 12.26 -7.32
CA HIS A 11 -14.66 11.25 -8.17
C HIS A 11 -14.53 9.94 -7.41
N PRO A 12 -15.36 8.94 -7.76
CA PRO A 12 -15.36 7.63 -7.13
C PRO A 12 -14.17 6.77 -7.45
N LEU A 13 -13.74 5.98 -6.46
CA LEU A 13 -12.61 5.08 -6.64
C LEU A 13 -13.20 3.71 -6.96
N GLN A 14 -12.41 2.86 -7.60
CA GLN A 14 -12.86 1.52 -7.93
C GLN A 14 -13.19 0.82 -6.61
N ASN A 15 -12.38 1.05 -5.58
CA ASN A 15 -12.60 0.44 -4.27
C ASN A 15 -12.71 1.42 -3.11
N ARG A 16 -13.35 0.97 -2.04
CA ARG A 16 -13.43 1.77 -0.84
C ARG A 16 -12.23 1.25 -0.05
N TRP A 17 -11.45 2.16 0.53
CA TRP A 17 -10.27 1.77 1.28
C TRP A 17 -10.40 2.16 2.74
N ALA A 18 -9.58 1.55 3.58
CA ALA A 18 -9.58 1.84 5.01
C ALA A 18 -8.14 2.08 5.44
N LEU A 19 -7.92 3.13 6.22
CA LEU A 19 -6.59 3.46 6.71
C LEU A 19 -6.47 3.00 8.15
N TRP A 20 -5.38 2.30 8.44
CA TRP A 20 -5.13 1.79 9.78
C TRP A 20 -3.84 2.36 10.35
N PHE A 21 -3.77 2.40 11.68
CA PHE A 21 -2.59 2.91 12.37
C PHE A 21 -2.15 1.88 13.39
N PHE A 22 -0.84 1.71 13.55
CA PHE A 22 -0.31 0.78 14.53
C PHE A 22 0.65 1.49 15.48
N LYS A 23 0.39 1.37 16.79
CA LYS A 23 1.22 1.99 17.81
C LYS A 23 1.84 0.90 18.66
N ASN A 24 3.16 0.73 18.59
CA ASN A 24 3.83 -0.31 19.36
C ASN A 24 3.77 -0.05 20.86
N ASP A 25 3.26 -1.04 21.59
CA ASP A 25 3.13 -0.95 23.04
C ASP A 25 4.08 -1.95 23.71
N LYS A 26 4.73 -2.77 22.89
CA LYS A 26 5.68 -3.77 23.34
C LYS A 26 5.04 -4.85 24.21
N SER A 27 4.10 -4.45 25.06
CA SER A 27 3.42 -5.39 25.95
C SER A 27 2.18 -6.00 25.30
N LYS A 28 1.21 -5.15 24.96
CA LYS A 28 -0.03 -5.61 24.34
C LYS A 28 0.21 -6.54 23.14
N THR A 29 -0.83 -7.28 22.76
CA THR A 29 -0.76 -8.18 21.62
C THR A 29 -0.63 -7.29 20.39
N TRP A 30 -0.02 -7.81 19.34
CA TRP A 30 0.14 -7.04 18.11
C TRP A 30 -1.22 -6.50 17.63
N GLN A 31 -2.22 -7.36 17.56
CA GLN A 31 -3.55 -6.96 17.11
C GLN A 31 -4.19 -5.85 17.95
N ALA A 32 -3.94 -5.87 19.26
CA ALA A 32 -4.50 -4.87 20.17
C ALA A 32 -3.91 -3.48 19.96
N ASN A 33 -2.78 -3.41 19.25
CA ASN A 33 -2.12 -2.13 18.97
C ASN A 33 -2.57 -1.60 17.61
N ARG A 35 -5.38 -0.19 15.09
CA ARG A 35 -6.66 0.49 15.12
C ARG A 35 -7.01 1.21 13.82
N LEU A 36 -8.29 1.16 13.46
CA LEU A 36 -8.80 1.79 12.25
C LEU A 36 -8.89 3.30 12.42
N ILE A 37 -8.49 4.04 11.39
CA ILE A 37 -8.57 5.50 11.44
C ILE A 37 -9.90 5.87 10.79
N SER A 38 -10.01 5.65 9.48
CA SER A 38 -11.25 5.94 8.77
C SER A 38 -11.21 5.27 7.41
N LYS A 39 -12.30 5.44 6.65
CA LYS A 39 -12.43 4.86 5.32
C LYS A 39 -12.84 5.93 4.31
N PHE A 40 -12.67 5.64 3.02
CA PHE A 40 -13.02 6.59 1.98
C PHE A 40 -13.15 5.86 0.65
N ASP A 41 -13.88 6.43 -0.30
CA ASP A 41 -14.05 5.80 -1.59
C ASP A 41 -14.17 6.80 -2.75
N THR A 42 -13.57 7.98 -2.56
CA THR A 42 -13.56 9.01 -3.59
C THR A 42 -12.21 9.68 -3.52
N VAL A 43 -11.81 10.33 -4.61
CA VAL A 43 -10.52 11.02 -4.66
C VAL A 43 -10.49 12.17 -3.64
N GLU A 44 -11.55 12.95 -3.59
CA GLU A 44 -11.61 14.09 -2.68
C GLU A 44 -11.47 13.64 -1.23
N ASP A 45 -12.11 12.53 -0.87
CA ASP A 45 -12.05 12.05 0.49
C ASP A 45 -10.66 11.47 0.82
N PHE A 46 -9.98 10.95 -0.19
CA PHE A 46 -8.65 10.44 0.06
C PHE A 46 -7.75 11.59 0.52
N TRP A 47 -7.74 12.68 -0.23
CA TRP A 47 -6.90 13.83 0.11
C TRP A 47 -7.24 14.49 1.43
N ALA A 48 -8.53 14.58 1.73
CA ALA A 48 -9.00 15.18 2.97
C ALA A 48 -8.40 14.42 4.16
N LEU A 49 -8.35 13.10 4.04
CA LEU A 49 -7.77 12.28 5.10
C LEU A 49 -6.25 12.44 5.08
N TYR A 50 -5.67 12.21 3.91
CA TYR A 50 -4.23 12.33 3.75
C TYR A 50 -3.66 13.66 4.25
N ASN A 51 -4.30 14.77 3.86
CA ASN A 51 -3.81 16.09 4.24
C ASN A 51 -3.81 16.42 5.72
N HIS A 52 -4.57 15.70 6.53
CA HIS A 52 -4.57 16.02 7.95
C HIS A 52 -3.91 14.99 8.87
N ILE A 53 -3.26 13.98 8.31
CA ILE A 53 -2.57 13.01 9.15
C ILE A 53 -1.07 13.22 9.02
N GLN A 54 -0.32 12.78 10.02
CA GLN A 54 1.13 12.91 10.04
C GLN A 54 1.80 12.19 8.89
N LEU A 55 2.85 12.79 8.32
CA LEU A 55 3.59 12.12 7.26
C LEU A 55 4.33 10.98 7.96
N SER A 56 4.53 9.88 7.26
CA SER A 56 5.20 8.72 7.83
C SER A 56 6.49 9.08 8.53
N SER A 57 7.26 9.99 7.93
CA SER A 57 8.54 10.42 8.49
C SER A 57 8.40 11.20 9.79
N ASN A 58 7.18 11.58 10.15
CA ASN A 58 6.94 12.33 11.37
C ASN A 58 6.39 11.44 12.49
N LEU A 59 6.23 10.16 12.18
CA LEU A 59 5.71 9.21 13.17
C LEU A 59 6.82 8.67 14.05
N MET A 60 6.48 8.26 15.26
CA MET A 60 7.46 7.70 16.18
C MET A 60 7.91 6.36 15.62
N PRO A 61 9.17 5.98 15.85
CA PRO A 61 9.63 4.70 15.33
C PRO A 61 8.80 3.58 15.98
N GLY A 62 8.46 2.56 15.20
CA GLY A 62 7.66 1.47 15.73
C GLY A 62 6.19 1.56 15.35
N CYS A 63 5.82 2.59 14.59
CA CYS A 63 4.44 2.74 14.16
C CYS A 63 4.26 2.33 12.70
N ASP A 64 3.02 2.02 12.30
CA ASP A 64 2.74 1.65 10.93
C ASP A 64 1.48 2.34 10.44
N TYR A 65 1.40 2.51 9.12
CA TYR A 65 0.24 3.06 8.45
C TYR A 65 -0.07 1.91 7.50
N SER A 66 -1.34 1.55 7.36
CA SER A 66 -1.73 0.49 6.44
C SER A 66 -2.96 0.95 5.69
N LEU A 67 -2.97 0.79 4.38
CA LEU A 67 -4.14 1.17 3.60
C LEU A 67 -4.61 -0.11 2.92
N PHE A 68 -5.76 -0.62 3.34
CA PHE A 68 -6.27 -1.85 2.75
C PHE A 68 -7.69 -1.70 2.25
N LYS A 69 -8.03 -2.48 1.25
CA LYS A 69 -9.38 -2.46 0.69
C LYS A 69 -10.34 -2.77 1.82
N ASP A 70 -11.47 -2.07 1.83
CA ASP A 70 -12.48 -2.25 2.86
C ASP A 70 -12.81 -3.72 3.04
N GLY A 71 -12.81 -4.20 4.28
CA GLY A 71 -13.12 -5.61 4.52
C GLY A 71 -11.91 -6.50 4.69
N ILE A 72 -10.73 -6.01 4.35
CA ILE A 72 -9.51 -6.79 4.50
C ILE A 72 -8.66 -6.23 5.63
N GLU A 73 -8.53 -6.97 6.72
CA GLU A 73 -7.73 -6.50 7.83
C GLU A 73 -6.24 -6.59 7.46
N PRO A 74 -5.45 -5.57 7.84
CA PRO A 74 -4.02 -5.57 7.52
C PRO A 74 -3.17 -6.57 8.32
N MET A 75 -3.54 -7.84 8.24
CA MET A 75 -2.82 -8.90 8.95
C MET A 75 -2.74 -10.17 8.12
N TRP A 76 -1.74 -11.00 8.42
CA TRP A 76 -1.50 -12.26 7.70
C TRP A 76 -2.68 -13.21 7.74
N GLU A 77 -3.32 -13.27 8.89
CA GLU A 77 -4.44 -14.17 9.14
C GLU A 77 -5.69 -13.94 8.32
N ASP A 78 -5.85 -12.75 7.75
CA ASP A 78 -7.05 -12.45 6.98
C ASP A 78 -7.24 -13.39 5.80
N GLU A 79 -8.50 -13.67 5.48
CA GLU A 79 -8.84 -14.54 4.36
C GLU A 79 -8.14 -14.15 3.05
N LYS A 80 -7.94 -12.84 2.83
CA LYS A 80 -7.31 -12.40 1.58
C LYS A 80 -5.79 -12.22 1.62
N ASN A 81 -5.18 -12.50 2.76
CA ASN A 81 -3.74 -12.37 2.91
C ASN A 81 -3.00 -13.67 3.28
N LYS A 82 -3.69 -14.60 3.93
CA LYS A 82 -3.04 -15.84 4.38
C LYS A 82 -2.35 -16.64 3.29
N ARG A 83 -2.87 -16.61 2.07
CA ARG A 83 -2.24 -17.34 0.98
C ARG A 83 -1.39 -16.41 0.11
N GLY A 84 -1.29 -15.15 0.56
CA GLY A 84 -0.56 -14.14 -0.19
C GLY A 84 0.86 -13.79 0.23
N GLY A 85 1.30 -12.61 -0.18
CA GLY A 85 2.65 -12.16 0.12
C GLY A 85 2.79 -10.68 -0.14
N ARG A 86 4.03 -10.18 -0.16
CA ARG A 86 4.24 -8.75 -0.34
C ARG A 86 5.52 -8.45 -1.10
N TRP A 87 5.52 -7.32 -1.79
CA TRP A 87 6.69 -6.81 -2.50
C TRP A 87 7.28 -5.88 -1.46
N LEU A 88 8.51 -6.15 -1.02
CA LEU A 88 9.13 -5.34 0.01
C LEU A 88 10.16 -4.32 -0.45
N ILE A 89 9.97 -3.08 0.01
CA ILE A 89 10.90 -2.00 -0.29
C ILE A 89 11.63 -1.71 1.01
N THR A 90 12.94 -1.95 1.03
CA THR A 90 13.74 -1.69 2.23
C THR A 90 14.48 -0.37 2.03
N LEU A 91 14.24 0.57 2.93
CA LEU A 91 14.89 1.88 2.87
C LEU A 91 16.00 1.99 3.90
N ASN A 92 17.03 2.76 3.58
CA ASN A 92 18.12 2.97 4.54
C ASN A 92 17.70 4.15 5.40
N LYS A 93 18.50 4.48 6.41
CA LYS A 93 18.19 5.57 7.31
C LYS A 93 18.17 6.93 6.62
N GLN A 94 19.04 7.13 5.62
CA GLN A 94 19.08 8.40 4.90
C GLN A 94 17.80 8.65 4.09
N GLN A 95 17.22 7.58 3.56
CA GLN A 95 16.01 7.69 2.75
C GLN A 95 14.77 8.14 3.51
N ARG A 96 14.85 8.19 4.84
CA ARG A 96 13.70 8.66 5.59
C ARG A 96 13.40 10.09 5.16
N ARG A 97 14.46 10.87 4.98
CA ARG A 97 14.33 12.26 4.56
C ARG A 97 14.03 12.39 3.08
N SER A 98 14.80 11.70 2.25
CA SER A 98 14.64 11.81 0.81
C SER A 98 13.56 10.99 0.09
N ASP A 99 13.29 9.77 0.53
CA ASP A 99 12.32 8.95 -0.20
C ASP A 99 11.09 8.37 0.51
N LEU A 100 11.15 8.21 1.82
CA LEU A 100 10.04 7.61 2.56
C LEU A 100 8.65 8.18 2.25
N ASP A 101 8.48 9.48 2.43
CA ASP A 101 7.19 10.11 2.21
C ASP A 101 6.68 10.11 0.77
N ARG A 102 7.53 10.39 -0.19
CA ARG A 102 7.06 10.39 -1.56
C ARG A 102 6.82 8.96 -2.05
N PHE A 103 7.62 8.02 -1.54
CA PHE A 103 7.44 6.63 -1.92
C PHE A 103 6.10 6.14 -1.37
N TRP A 104 5.76 6.55 -0.15
CA TRP A 104 4.50 6.11 0.45
C TRP A 104 3.32 6.74 -0.32
N LEU A 105 3.44 8.01 -0.69
CA LEU A 105 2.35 8.64 -1.44
C LEU A 105 2.15 7.98 -2.80
N GLU A 106 3.25 7.66 -3.49
CA GLU A 106 3.14 7.02 -4.80
C GLU A 106 2.47 5.67 -4.63
N THR A 107 2.79 4.98 -3.55
CA THR A 107 2.19 3.68 -3.26
C THR A 107 0.69 3.87 -3.12
N LEU A 108 0.28 4.92 -2.41
CA LEU A 108 -1.13 5.19 -2.21
C LEU A 108 -1.84 5.48 -3.53
N LEU A 109 -1.20 6.25 -4.39
CA LEU A 109 -1.77 6.60 -5.68
C LEU A 109 -1.89 5.37 -6.58
N CYS A 110 -0.95 4.45 -6.44
CA CYS A 110 -0.98 3.21 -7.22
C CYS A 110 -2.17 2.38 -6.79
N LEU A 111 -2.41 2.33 -5.48
CA LEU A 111 -3.53 1.57 -4.93
C LEU A 111 -4.89 2.12 -5.33
N ILE A 112 -5.20 3.34 -4.91
CA ILE A 112 -6.49 3.92 -5.18
C ILE A 112 -6.73 4.21 -6.65
N GLY A 113 -5.66 4.42 -7.40
CA GLY A 113 -5.80 4.69 -8.83
C GLY A 113 -5.88 3.45 -9.68
N GLU A 114 -5.77 2.27 -9.08
CA GLU A 114 -5.83 0.99 -9.80
C GLU A 114 -4.79 0.97 -10.92
N SER A 115 -3.55 1.31 -10.58
CA SER A 115 -2.48 1.38 -11.56
C SER A 115 -1.93 0.08 -12.12
N PHE A 116 -2.41 -1.06 -11.64
CA PHE A 116 -1.91 -2.33 -12.15
C PHE A 116 -2.90 -3.01 -13.08
N ASP A 117 -3.77 -2.22 -13.69
CA ASP A 117 -4.77 -2.76 -14.61
C ASP A 117 -5.61 -3.87 -13.95
N ASP A 118 -5.87 -4.92 -14.70
CA ASP A 118 -6.65 -6.03 -14.16
C ASP A 118 -5.99 -6.68 -12.97
N TYR A 119 -4.66 -6.69 -12.95
CA TYR A 119 -3.93 -7.30 -11.86
C TYR A 119 -4.17 -6.57 -10.53
N SER A 120 -4.86 -5.44 -10.60
CA SER A 120 -5.18 -4.67 -9.40
C SER A 120 -6.13 -5.42 -8.48
N ASP A 121 -6.83 -6.42 -9.01
CA ASP A 121 -7.75 -7.19 -8.19
C ASP A 121 -7.00 -8.07 -7.19
N ASP A 122 -5.73 -8.36 -7.48
CA ASP A 122 -4.90 -9.16 -6.60
C ASP A 122 -4.31 -8.34 -5.45
N VAL A 123 -4.36 -7.02 -5.58
CA VAL A 123 -3.83 -6.14 -4.54
C VAL A 123 -4.76 -6.06 -3.32
N CYS A 124 -4.19 -6.29 -2.15
CA CYS A 124 -4.96 -6.22 -0.91
C CYS A 124 -4.76 -4.86 -0.25
N GLY A 125 -3.50 -4.43 -0.19
CA GLY A 125 -3.18 -3.15 0.42
C GLY A 125 -1.68 -2.94 0.49
N ALA A 126 -1.27 -1.94 1.26
CA ALA A 126 0.15 -1.66 1.42
C ALA A 126 0.39 -1.21 2.85
N VAL A 127 1.61 -1.42 3.34
CA VAL A 127 1.91 -0.99 4.69
C VAL A 127 3.28 -0.33 4.75
N VAL A 128 3.38 0.71 5.56
CA VAL A 128 4.65 1.39 5.74
C VAL A 128 5.03 1.25 7.20
N ASN A 129 6.22 0.70 7.45
CA ASN A 129 6.73 0.55 8.80
C ASN A 129 7.77 1.62 9.08
N VAL A 130 7.57 2.41 10.10
CA VAL A 130 8.56 3.44 10.45
C VAL A 130 9.42 2.76 11.51
N ARG A 131 10.69 2.56 11.21
CA ARG A 131 11.61 1.88 12.14
C ARG A 131 12.95 2.58 12.26
N ALA A 132 13.53 2.55 13.45
CA ALA A 132 14.81 3.19 13.70
C ALA A 132 15.94 2.52 12.92
N LYS A 133 15.83 1.22 12.66
CA LYS A 133 16.87 0.51 11.93
C LYS A 133 16.69 0.65 10.42
N GLY A 134 15.53 1.13 10.00
CA GLY A 134 15.28 1.28 8.57
C GLY A 134 13.81 1.09 8.24
N ASP A 135 13.24 2.06 7.54
CA ASP A 135 11.84 2.02 7.16
C ASP A 135 11.56 1.01 6.05
N LYS A 136 10.33 0.54 5.99
CA LYS A 136 9.91 -0.43 4.98
C LYS A 136 8.53 -0.12 4.43
N ILE A 137 8.35 -0.37 3.15
CA ILE A 137 7.06 -0.18 2.50
C ILE A 137 6.80 -1.47 1.74
N ALA A 138 5.55 -1.89 1.74
CA ALA A 138 5.22 -3.11 1.06
C ALA A 138 3.81 -3.12 0.52
N ILE A 139 3.64 -3.73 -0.64
CA ILE A 139 2.32 -3.87 -1.23
C ILE A 139 2.00 -5.35 -1.06
N TRP A 140 0.88 -5.62 -0.38
CA TRP A 140 0.44 -6.99 -0.13
C TRP A 140 -0.51 -7.47 -1.23
N THR A 141 -0.32 -8.71 -1.69
CA THR A 141 -1.22 -9.28 -2.69
C THR A 141 -1.85 -10.54 -2.11
N THR A 142 -2.97 -10.96 -2.70
CA THR A 142 -3.76 -12.09 -2.21
C THR A 142 -3.29 -13.54 -2.41
N GLU A 143 -2.59 -13.82 -3.50
CA GLU A 143 -2.15 -15.19 -3.77
C GLU A 143 -0.71 -15.24 -4.27
N CYS A 144 0.17 -15.83 -3.46
CA CYS A 144 1.58 -15.90 -3.83
C CYS A 144 1.86 -16.80 -5.04
N GLU A 145 0.86 -17.58 -5.45
CA GLU A 145 1.06 -18.47 -6.59
C GLU A 145 0.62 -17.85 -7.92
N ASN A 146 0.09 -16.64 -7.87
CA ASN A 146 -0.33 -15.95 -9.10
C ASN A 146 0.86 -15.17 -9.64
N ARG A 147 1.77 -15.90 -10.30
CA ARG A 147 2.98 -15.31 -10.87
C ARG A 147 2.71 -14.14 -11.82
N GLU A 148 1.85 -14.36 -12.81
CA GLU A 148 1.55 -13.29 -13.77
C GLU A 148 1.15 -12.00 -13.07
N ALA A 149 0.18 -12.09 -12.16
CA ALA A 149 -0.28 -10.92 -11.43
C ALA A 149 0.81 -10.33 -10.56
N VAL A 150 1.43 -11.18 -9.74
CA VAL A 150 2.48 -10.73 -8.84
C VAL A 150 3.66 -10.06 -9.56
N THR A 151 4.18 -10.70 -10.61
CA THR A 151 5.32 -10.10 -11.32
C THR A 151 5.01 -8.78 -12.02
N HIS A 152 3.83 -8.66 -12.62
CA HIS A 152 3.46 -7.42 -13.30
C HIS A 152 3.29 -6.27 -12.30
N ILE A 153 2.70 -6.58 -11.15
CA ILE A 153 2.49 -5.60 -10.09
C ILE A 153 3.83 -5.10 -9.59
N GLY A 154 4.75 -6.03 -9.34
CA GLY A 154 6.07 -5.67 -8.85
C GLY A 154 6.80 -4.78 -9.84
N ARG A 155 6.69 -5.12 -11.12
CA ARG A 155 7.35 -4.37 -12.18
C ARG A 155 6.81 -2.95 -12.25
N VAL A 156 5.49 -2.81 -12.36
CA VAL A 156 4.89 -1.49 -12.45
C VAL A 156 5.18 -0.70 -11.17
N TYR A 157 5.10 -1.37 -10.02
CA TYR A 157 5.34 -0.71 -8.75
C TYR A 157 6.75 -0.11 -8.68
N LYS A 158 7.75 -0.90 -9.05
CA LYS A 158 9.12 -0.45 -9.04
C LYS A 158 9.28 0.73 -10.02
N GLU A 159 8.64 0.63 -11.18
CA GLU A 159 8.72 1.69 -12.17
C GLU A 159 8.13 2.98 -11.60
N ARG A 160 6.94 2.88 -11.03
CA ARG A 160 6.27 4.03 -10.46
C ARG A 160 7.09 4.73 -9.38
N LEU A 161 7.74 3.95 -8.53
CA LEU A 161 8.54 4.53 -7.47
C LEU A 161 9.72 5.31 -8.06
N GLY A 162 10.13 4.92 -9.26
CA GLY A 162 11.21 5.59 -9.96
C GLY A 162 12.61 5.40 -9.43
N LEU A 163 12.83 4.44 -8.54
CA LEU A 163 14.15 4.19 -7.99
C LEU A 163 15.04 3.58 -9.07
N PRO A 164 16.38 3.63 -8.91
CA PRO A 164 17.30 3.07 -9.89
C PRO A 164 16.93 1.66 -10.35
N PRO A 165 16.64 1.48 -11.64
CA PRO A 165 16.24 0.22 -12.26
C PRO A 165 17.11 -0.98 -11.91
N LYS A 166 18.39 -0.74 -11.63
CA LYS A 166 19.30 -1.82 -11.31
C LYS A 166 19.05 -2.44 -9.93
N ILE A 167 18.37 -1.71 -9.06
CA ILE A 167 18.04 -2.19 -7.71
C ILE A 167 16.98 -3.28 -7.79
N VAL A 168 17.24 -4.42 -7.16
CA VAL A 168 16.27 -5.52 -7.20
C VAL A 168 15.45 -5.63 -5.94
N ILE A 169 14.16 -5.88 -6.10
CA ILE A 169 13.26 -6.04 -4.97
C ILE A 169 12.68 -7.45 -5.00
N GLY A 170 12.34 -7.97 -3.83
CA GLY A 170 11.81 -9.32 -3.75
C GLY A 170 10.42 -9.42 -3.17
N TYR A 171 9.75 -10.52 -3.51
CA TYR A 171 8.40 -10.78 -3.03
C TYR A 171 8.46 -11.99 -2.12
N GLN A 172 7.97 -11.85 -0.89
CA GLN A 172 7.96 -12.97 0.05
C GLN A 172 6.51 -13.32 0.40
N SER A 173 6.22 -14.61 0.52
CA SER A 173 4.87 -15.02 0.89
C SER A 173 4.79 -14.90 2.41
N HIS A 174 3.60 -14.64 2.93
CA HIS A 174 3.45 -14.51 4.38
C HIS A 174 3.61 -15.86 5.06
N ALA A 175 3.09 -16.92 4.47
CA ALA A 175 3.21 -18.24 5.07
C ALA A 175 4.66 -18.71 5.22
N ASP A 176 5.60 -17.94 4.65
CA ASP A 176 7.01 -18.30 4.72
C ASP A 176 7.84 -17.47 5.71
N THR A 177 7.22 -16.56 6.46
CA THR A 177 7.98 -15.74 7.40
C THR A 177 8.70 -16.59 8.45
N ALA A 178 9.94 -16.21 8.75
CA ALA A 178 10.76 -16.92 9.72
C ALA A 178 10.04 -17.18 11.04
N THR A 179 10.23 -18.38 11.56
CA THR A 179 9.64 -18.80 12.84
C THR A 179 10.73 -19.55 13.61
N LYS A 180 11.78 -18.83 13.99
CA LYS A 180 12.89 -19.44 14.73
C LYS A 180 13.81 -18.39 15.30
N SER A 181 14.34 -17.54 14.42
CA SER A 181 15.25 -16.47 14.81
C SER A 181 15.82 -15.80 13.56
N GLY A 182 15.24 -16.13 12.41
CA GLY A 182 15.69 -15.57 11.15
C GLY A 182 15.47 -16.58 10.04
N SER A 183 15.74 -17.84 10.34
CA SER A 183 15.57 -18.96 9.42
C SER A 183 15.46 -18.60 7.93
N THR A 184 16.39 -17.77 7.46
CA THR A 184 16.43 -17.35 6.06
C THR A 184 15.06 -17.12 5.43
N THR A 185 14.58 -15.87 5.46
CA THR A 185 13.29 -15.54 4.87
C THR A 185 13.51 -15.28 3.37
N LYS A 186 13.16 -16.26 2.55
CA LYS A 186 13.38 -16.17 1.10
C LYS A 186 12.32 -15.47 0.25
N ASN A 187 12.72 -15.14 -0.99
CA ASN A 187 11.85 -14.49 -1.95
C ASN A 187 11.39 -15.53 -2.97
N ARG A 188 10.14 -15.42 -3.41
CA ARG A 188 9.61 -16.33 -4.43
C ARG A 188 9.83 -15.69 -5.79
N PHE A 189 9.79 -14.36 -5.82
CA PHE A 189 9.99 -13.61 -7.06
C PHE A 189 10.86 -12.38 -6.84
N VAL A 190 11.44 -11.88 -7.93
CA VAL A 190 12.30 -10.71 -7.90
C VAL A 190 12.12 -9.93 -9.20
N VAL A 191 12.26 -8.61 -9.12
CA VAL A 191 12.15 -7.73 -10.28
C VAL A 191 13.03 -6.50 -10.12
N PRO B 1 -10.66 -10.71 -16.47
CA PRO B 1 -10.87 -10.03 -17.75
C PRO B 1 -12.30 -9.53 -17.95
N GLY B 2 -12.44 -8.31 -18.44
CA GLY B 2 -13.76 -7.74 -18.67
C GLY B 2 -14.30 -7.00 -17.45
N GLY B 3 -14.44 -5.68 -17.57
CA GLY B 3 -14.94 -4.88 -16.46
C GLY B 3 -14.46 -3.45 -16.53
N THR B 4 -15.41 -2.50 -16.49
CA THR B 4 -15.07 -1.08 -16.55
C THR B 4 -14.47 -0.61 -15.23
N ARG B 5 -13.16 -0.78 -15.09
CA ARG B 5 -12.45 -0.39 -13.90
C ARG B 5 -12.20 1.12 -13.89
N ILE B 6 -12.35 1.72 -12.71
CA ILE B 6 -12.12 3.15 -12.58
C ILE B 6 -10.62 3.31 -12.34
N ILE B 7 -9.94 3.86 -13.33
CA ILE B 7 -8.50 4.05 -13.26
C ILE B 7 -8.09 5.53 -13.28
N TYR B 8 -7.21 5.92 -12.38
CA TYR B 8 -6.75 7.30 -12.31
C TYR B 8 -5.22 7.40 -12.43
N ASP B 9 -4.76 8.25 -13.34
CA ASP B 9 -3.33 8.46 -13.53
C ASP B 9 -2.89 9.39 -12.41
N ARG B 10 -1.65 9.23 -11.95
CA ARG B 10 -1.13 10.04 -10.86
C ARG B 10 -1.37 11.53 -11.03
N LYS B 11 -1.20 12.02 -12.26
CA LYS B 11 -1.38 13.45 -12.54
C LYS B 11 -2.80 13.89 -12.20
N PHE B 12 -3.76 13.08 -12.57
CA PHE B 12 -5.17 13.40 -12.31
C PHE B 12 -5.40 13.52 -10.81
N LEU B 13 -4.87 12.58 -10.03
CA LEU B 13 -5.03 12.58 -8.58
C LEU B 13 -4.31 13.74 -7.91
N LEU B 14 -3.09 14.01 -8.35
CA LEU B 14 -2.29 15.08 -7.77
C LEU B 14 -2.86 16.47 -8.08
N ASP B 15 -3.50 16.62 -9.24
CA ASP B 15 -4.09 17.90 -9.61
C ASP B 15 -5.27 18.32 -8.72
N ARG B 16 -5.79 17.37 -7.96
CA ARG B 16 -6.93 17.63 -7.08
C ARG B 16 -6.57 17.53 -5.62
N ARG B 17 -5.27 17.50 -5.33
CA ARG B 17 -4.80 17.42 -3.96
C ARG B 17 -5.35 18.55 -3.09
N ASN B 18 -5.42 19.75 -3.65
CA ASN B 18 -5.90 20.92 -2.93
C ASN B 18 -7.22 21.40 -3.55
N SER B 19 -7.29 21.32 -4.88
CA SER B 19 -8.46 21.72 -5.65
C SER B 19 -9.39 22.69 -4.91
#